data_5FH7
#
_entry.id   5FH7
#
_cell.length_a   41.980
_cell.length_b   59.210
_cell.length_c   138.900
_cell.angle_alpha   90.00
_cell.angle_beta   90.00
_cell.angle_gamma   90.00
#
_symmetry.space_group_name_H-M   'P 21 21 21'
#
loop_
_entity.id
_entity.type
_entity.pdbx_description
1 polymer 'Protein polybromo-1'
2 non-polymer 1,2-ETHANEDIOL
3 non-polymer 6-chloranyl-3-[(dimethylamino)methyl]-4~{H}-pyrrolo[1,2-a]quinazolin-5-one
4 water water
#
_entity_poly.entity_id   1
_entity_poly.type   'polypeptide(L)'
_entity_poly.pdbx_seq_one_letter_code
;SMSGISPKKSKYMTPMQQKLNEVYEAVKNYTDKRGRRLSAIFLRLPSRSELPDYYLTIKKPMDMEKIRSHMMANKYQDID
SMVEDFVMMFNNACTYNEPESLIYKDALVLHKVLLETRRDLEGD
;
_entity_poly.pdbx_strand_id   A,B
#
loop_
_chem_comp.id
_chem_comp.type
_chem_comp.name
_chem_comp.formula
5XL non-polymer 6-chloranyl-3-[(dimethylamino)methyl]-4~{H}-pyrrolo[1,2-a]quinazolin-5-one 'C14 H14 Cl N3 O'
EDO non-polymer 1,2-ETHANEDIOL 'C2 H6 O2'
#
# COMPACT_ATOMS: atom_id res chain seq x y z
N SER A 10 -16.80 24.98 7.77
CA SER A 10 -15.90 25.15 8.96
C SER A 10 -14.84 24.09 8.99
N LYS A 11 -13.65 24.46 9.45
CA LYS A 11 -12.62 23.45 9.70
C LYS A 11 -12.83 22.59 10.94
N TYR A 12 -13.79 22.94 11.80
CA TYR A 12 -14.02 22.25 13.06
C TYR A 12 -15.04 21.11 12.91
N MET A 13 -14.58 19.92 13.20
CA MET A 13 -15.41 18.73 13.07
C MET A 13 -16.29 18.59 14.31
N THR A 14 -17.50 18.07 14.11
CA THR A 14 -18.33 17.71 15.26
C THR A 14 -17.71 16.54 16.02
N PRO A 15 -18.12 16.28 17.26
CA PRO A 15 -17.62 15.14 18.01
C PRO A 15 -17.80 13.80 17.24
N MET A 16 -18.97 13.60 16.65
CA MET A 16 -19.16 12.38 15.83
C MET A 16 -18.21 12.31 14.65
N GLN A 17 -18.04 13.41 13.94
CA GLN A 17 -17.07 13.44 12.86
C GLN A 17 -15.65 13.15 13.30
N GLN A 18 -15.25 13.71 14.44
CA GLN A 18 -13.94 13.43 15.03
C GLN A 18 -13.76 11.97 15.38
N LYS A 19 -14.81 11.34 15.90
CA LYS A 19 -14.76 9.93 16.28
C LYS A 19 -14.65 9.04 15.03
N LEU A 20 -15.45 9.32 14.01
CA LEU A 20 -15.35 8.59 12.72
C LEU A 20 -13.96 8.70 12.16
N ASN A 21 -13.41 9.90 12.15
CA ASN A 21 -12.11 10.12 11.61
C ASN A 21 -11.01 9.35 12.42
N GLU A 22 -11.11 9.32 13.74
CA GLU A 22 -10.19 8.63 14.60
C GLU A 22 -10.21 7.12 14.31
N VAL A 23 -11.39 6.56 14.17
CA VAL A 23 -11.54 5.12 13.81
C VAL A 23 -10.90 4.82 12.46
N TYR A 24 -11.23 5.59 11.44
CA TYR A 24 -10.73 5.40 10.09
C TYR A 24 -9.19 5.49 10.12
N GLU A 25 -8.68 6.52 10.80
CA GLU A 25 -7.24 6.72 10.80
C GLU A 25 -6.50 5.65 11.58
N ALA A 26 -7.11 5.07 12.61
CA ALA A 26 -6.43 4.01 13.37
C ALA A 26 -6.22 2.79 12.45
N VAL A 27 -7.22 2.45 11.63
CA VAL A 27 -7.06 1.33 10.73
C VAL A 27 -6.07 1.68 9.65
N LYS A 28 -6.22 2.87 9.04
CA LYS A 28 -5.30 3.30 7.96
C LYS A 28 -3.83 3.36 8.37
N ASN A 29 -3.61 3.85 9.57
CA ASN A 29 -2.23 4.13 10.02
C ASN A 29 -1.52 3.03 10.74
N TYR A 30 -2.24 1.97 11.10
CA TYR A 30 -1.63 0.88 11.87
C TYR A 30 -0.40 0.35 11.15
N THR A 31 0.68 0.23 11.92
CA THR A 31 1.87 -0.42 11.39
C THR A 31 2.27 -1.53 12.33
N ASP A 32 2.77 -2.63 11.78
CA ASP A 32 3.26 -3.76 12.59
C ASP A 32 4.65 -3.41 13.15
N LYS A 33 5.24 -4.35 13.86
CA LYS A 33 6.54 -4.08 14.47
C LYS A 33 7.67 -3.91 13.48
N ARG A 34 7.47 -4.36 12.25
CA ARG A 34 8.48 -4.20 11.21
C ARG A 34 8.28 -2.89 10.42
N GLY A 35 7.26 -2.07 10.77
CA GLY A 35 6.94 -0.88 10.05
C GLY A 35 6.08 -1.02 8.81
N ARG A 36 5.48 -2.18 8.59
CA ARG A 36 4.62 -2.36 7.43
C ARG A 36 3.23 -1.83 7.77
N ARG A 37 2.67 -1.04 6.84
CA ARG A 37 1.30 -0.49 6.98
C ARG A 37 0.36 -1.52 6.40
N LEU A 38 -0.38 -2.24 7.25
CA LEU A 38 -1.23 -3.34 6.80
C LEU A 38 -2.38 -2.86 5.92
N SER A 39 -2.79 -1.61 6.02
CA SER A 39 -3.91 -1.10 5.21
C SER A 39 -3.56 -0.98 3.74
N ALA A 40 -2.29 -1.04 3.38
CA ALA A 40 -1.87 -0.71 1.99
C ALA A 40 -2.72 -1.39 0.93
N ILE A 41 -2.87 -2.69 1.02
CA ILE A 41 -3.56 -3.45 0.00
C ILE A 41 -5.05 -3.08 -0.03
N PHE A 42 -5.63 -2.64 1.08
CA PHE A 42 -7.05 -2.41 1.20
C PHE A 42 -7.54 -1.06 0.73
N LEU A 43 -6.62 -0.16 0.35
CA LEU A 43 -7.05 1.18 0.00
C LEU A 43 -7.95 1.25 -1.21
N ARG A 44 -7.59 0.52 -2.26
CA ARG A 44 -8.37 0.51 -3.48
C ARG A 44 -8.43 -0.87 -4.09
N LEU A 45 -9.67 -1.36 -4.32
CA LEU A 45 -9.85 -2.66 -4.96
C LEU A 45 -9.46 -2.56 -6.42
N PRO A 46 -8.71 -3.56 -6.95
CA PRO A 46 -8.45 -3.65 -8.38
C PRO A 46 -9.73 -3.91 -9.18
N SER A 47 -9.56 -3.96 -10.50
CA SER A 47 -10.67 -4.27 -11.48
C SER A 47 -10.95 -5.74 -11.62
N ARG A 48 -12.07 -6.12 -12.28
CA ARG A 48 -12.33 -7.50 -12.73
C ARG A 48 -11.22 -8.20 -13.48
N SER A 49 -10.56 -7.44 -14.36
CA SER A 49 -9.46 -7.93 -15.19
C SER A 49 -8.32 -8.40 -14.26
N GLU A 50 -8.12 -7.65 -13.17
CA GLU A 50 -7.04 -7.93 -12.25
C GLU A 50 -7.32 -9.01 -11.26
N LEU A 51 -8.58 -9.18 -10.84
CA LEU A 51 -8.93 -10.21 -9.88
C LEU A 51 -10.11 -10.94 -10.49
N PRO A 52 -9.85 -11.92 -11.38
CA PRO A 52 -10.90 -12.47 -12.25
C PRO A 52 -12.15 -12.89 -11.53
N ASP A 53 -12.01 -13.65 -10.45
CA ASP A 53 -13.09 -14.24 -9.78
C ASP A 53 -13.69 -13.23 -8.80
N TYR A 54 -13.06 -12.04 -8.58
CA TYR A 54 -13.44 -11.25 -7.36
C TYR A 54 -14.86 -10.74 -7.38
N TYR A 55 -15.24 -10.08 -8.49
CA TYR A 55 -16.54 -9.47 -8.55
C TYR A 55 -17.66 -10.50 -8.83
N LEU A 56 -17.28 -11.66 -9.33
CA LEU A 56 -18.23 -12.76 -9.46
C LEU A 56 -18.56 -13.44 -8.15
N THR A 57 -17.65 -13.35 -7.19
CA THR A 57 -17.88 -14.08 -5.94
C THR A 57 -18.11 -13.20 -4.73
N ILE A 58 -17.78 -11.92 -4.82
CA ILE A 58 -17.98 -10.98 -3.70
C ILE A 58 -19.17 -10.10 -4.04
N LYS A 59 -20.27 -10.27 -3.30
CA LYS A 59 -21.50 -9.54 -3.59
C LYS A 59 -21.45 -8.02 -3.41
N LYS A 60 -20.74 -7.57 -2.39
CA LYS A 60 -20.70 -6.16 -2.05
C LYS A 60 -19.22 -5.74 -1.89
N PRO A 61 -18.56 -5.43 -2.99
CA PRO A 61 -17.16 -4.96 -2.95
C PRO A 61 -17.02 -3.73 -2.06
N MET A 62 -15.88 -3.67 -1.37
CA MET A 62 -15.64 -2.59 -0.43
C MET A 62 -14.15 -2.35 -0.33
N ASP A 63 -13.74 -1.06 -0.29
CA ASP A 63 -12.39 -0.70 0.01
C ASP A 63 -12.33 0.52 0.84
N MET A 64 -11.13 0.87 1.31
CA MET A 64 -11.00 2.01 2.22
C MET A 64 -11.24 3.33 1.53
N GLU A 65 -10.99 3.44 0.25
CA GLU A 65 -11.33 4.71 -0.46
C GLU A 65 -12.82 4.93 -0.46
N LYS A 66 -13.61 3.87 -0.55
CA LYS A 66 -15.05 4.01 -0.55
C LYS A 66 -15.53 4.49 0.81
N ILE A 67 -14.98 3.91 1.86
CA ILE A 67 -15.31 4.31 3.24
C ILE A 67 -14.87 5.76 3.45
N ARG A 68 -13.66 6.11 3.03
CA ARG A 68 -13.13 7.47 3.24
C ARG A 68 -14.04 8.47 2.53
N SER A 69 -14.45 8.16 1.32
CA SER A 69 -15.26 9.13 0.56
C SER A 69 -16.65 9.31 1.20
N HIS A 70 -17.20 8.25 1.76
CA HIS A 70 -18.47 8.31 2.42
C HIS A 70 -18.35 9.15 3.68
N MET A 71 -17.28 8.95 4.43
CA MET A 71 -16.94 9.78 5.59
C MET A 71 -16.76 11.25 5.22
N MET A 72 -16.03 11.53 4.15
CA MET A 72 -15.76 12.93 3.77
C MET A 72 -16.98 13.64 3.24
N ALA A 73 -17.94 12.88 2.72
CA ALA A 73 -19.24 13.42 2.28
C ALA A 73 -20.19 13.59 3.46
N ASN A 74 -19.74 13.21 4.66
CA ASN A 74 -20.48 13.34 5.89
C ASN A 74 -21.75 12.48 5.87
N LYS A 75 -21.63 11.29 5.28
CA LYS A 75 -22.75 10.41 5.07
C LYS A 75 -22.89 9.29 6.10
N TYR A 76 -21.88 9.07 6.96
CA TYR A 76 -22.05 8.15 8.09
C TYR A 76 -22.76 8.89 9.23
N GLN A 77 -23.85 8.30 9.71
CA GLN A 77 -24.67 8.94 10.74
C GLN A 77 -24.23 8.52 12.12
N ASP A 78 -23.50 7.42 12.21
CA ASP A 78 -23.04 6.89 13.49
C ASP A 78 -21.83 6.01 13.28
N ILE A 79 -21.21 5.61 14.37
CA ILE A 79 -19.99 4.83 14.33
C ILE A 79 -20.27 3.40 13.86
N ASP A 80 -21.36 2.80 14.33
CA ASP A 80 -21.72 1.46 13.88
C ASP A 80 -21.77 1.34 12.37
N SER A 81 -22.21 2.36 11.66
CA SER A 81 -22.34 2.32 10.20
C SER A 81 -20.99 2.21 9.54
N MET A 82 -20.00 2.94 10.06
CA MET A 82 -18.64 2.81 9.53
C MET A 82 -18.06 1.45 9.86
N VAL A 83 -18.21 1.02 11.10
CA VAL A 83 -17.73 -0.30 11.47
C VAL A 83 -18.32 -1.39 10.58
N GLU A 84 -19.59 -1.30 10.24
CA GLU A 84 -20.22 -2.25 9.35
C GLU A 84 -19.47 -2.33 8.01
N ASP A 85 -19.08 -1.20 7.42
CA ASP A 85 -18.44 -1.24 6.12
C ASP A 85 -17.01 -1.84 6.22
N PHE A 86 -16.28 -1.53 7.30
CA PHE A 86 -14.99 -2.19 7.51
C PHE A 86 -15.15 -3.70 7.70
N VAL A 87 -16.12 -4.12 8.49
CA VAL A 87 -16.35 -5.54 8.68
C VAL A 87 -16.74 -6.26 7.39
N MET A 88 -17.49 -5.58 6.54
CA MET A 88 -17.77 -6.09 5.21
C MET A 88 -16.49 -6.31 4.43
N MET A 89 -15.62 -5.30 4.44
CA MET A 89 -14.36 -5.38 3.72
C MET A 89 -13.53 -6.56 4.22
N PHE A 90 -13.44 -6.73 5.55
CA PHE A 90 -12.64 -7.83 6.10
C PHE A 90 -13.24 -9.19 5.83
N ASN A 91 -14.56 -9.30 5.90
CA ASN A 91 -15.21 -10.54 5.51
C ASN A 91 -14.96 -10.81 4.05
N ASN A 92 -15.01 -9.80 3.19
CA ASN A 92 -14.75 -10.02 1.79
C ASN A 92 -13.35 -10.54 1.57
N ALA A 93 -12.38 -9.88 2.23
CA ALA A 93 -10.97 -10.31 2.12
C ALA A 93 -10.79 -11.76 2.57
N CYS A 94 -11.49 -12.16 3.62
CA CYS A 94 -11.32 -13.52 4.14
C CYS A 94 -12.15 -14.54 3.37
N THR A 95 -13.06 -14.11 2.54
CA THR A 95 -13.79 -14.96 1.63
C THR A 95 -12.97 -15.22 0.38
N TYR A 96 -12.44 -14.18 -0.24
CA TYR A 96 -11.69 -14.32 -1.51
C TYR A 96 -10.35 -14.92 -1.37
N ASN A 97 -9.64 -14.55 -0.31
CA ASN A 97 -8.28 -15.02 -0.04
C ASN A 97 -8.24 -16.21 0.89
N GLU A 98 -7.18 -17.03 0.75
CA GLU A 98 -7.06 -18.23 1.60
C GLU A 98 -6.60 -17.87 3.01
N PRO A 99 -6.94 -18.70 4.01
CA PRO A 99 -6.50 -18.45 5.34
C PRO A 99 -5.00 -18.36 5.58
N GLU A 100 -4.19 -19.04 4.76
CA GLU A 100 -2.75 -18.98 4.81
C GLU A 100 -2.18 -17.70 4.19
N SER A 101 -3.01 -16.94 3.46
CA SER A 101 -2.51 -15.77 2.72
C SER A 101 -2.26 -14.60 3.65
N LEU A 102 -1.33 -13.74 3.20
CA LEU A 102 -1.03 -12.57 4.00
C LEU A 102 -2.17 -11.59 4.10
N ILE A 103 -2.89 -11.42 3.00
CA ILE A 103 -4.04 -10.52 3.07
C ILE A 103 -5.06 -10.99 4.10
N TYR A 104 -5.31 -12.28 4.16
CA TYR A 104 -6.28 -12.78 5.10
C TYR A 104 -5.81 -12.49 6.55
N LYS A 105 -4.51 -12.75 6.80
CA LYS A 105 -3.94 -12.50 8.11
C LYS A 105 -3.94 -11.01 8.48
N ASP A 106 -3.70 -10.15 7.50
CA ASP A 106 -3.75 -8.73 7.74
C ASP A 106 -5.17 -8.21 8.01
N ALA A 107 -6.18 -8.79 7.34
CA ALA A 107 -7.57 -8.47 7.59
C ALA A 107 -7.93 -8.75 9.03
N LEU A 108 -7.45 -9.89 9.53
CA LEU A 108 -7.76 -10.26 10.93
C LEU A 108 -7.14 -9.29 11.92
N VAL A 109 -5.92 -8.84 11.66
CA VAL A 109 -5.26 -7.89 12.56
C VAL A 109 -5.98 -6.58 12.51
N LEU A 110 -6.31 -6.07 11.32
CA LEU A 110 -6.97 -4.77 11.22
C LEU A 110 -8.40 -4.78 11.80
N HIS A 111 -9.06 -5.93 11.72
CA HIS A 111 -10.33 -6.07 12.36
C HIS A 111 -10.22 -5.85 13.88
N LYS A 112 -9.21 -6.45 14.49
CA LYS A 112 -8.92 -6.21 15.92
C LYS A 112 -8.58 -4.77 16.19
N VAL A 113 -7.80 -4.11 15.31
CA VAL A 113 -7.51 -2.68 15.49
C VAL A 113 -8.80 -1.87 15.50
N LEU A 114 -9.69 -2.18 14.57
CA LEU A 114 -10.97 -1.53 14.47
C LEU A 114 -11.75 -1.66 15.75
N LEU A 115 -11.89 -2.89 16.22
CA LEU A 115 -12.78 -3.12 17.36
C LEU A 115 -12.16 -2.52 18.62
N GLU A 116 -10.85 -2.67 18.81
CA GLU A 116 -10.14 -2.09 19.95
C GLU A 116 -10.23 -0.58 19.96
N THR A 117 -10.12 0.04 18.80
CA THR A 117 -10.22 1.49 18.70
C THR A 117 -11.60 1.96 19.07
N ARG A 118 -12.63 1.26 18.60
CA ARG A 118 -14.00 1.68 18.88
CA ARG A 118 -13.98 1.67 18.86
C ARG A 118 -14.26 1.56 20.36
N ARG A 119 -13.81 0.47 20.96
CA ARG A 119 -14.01 0.22 22.39
C ARG A 119 -13.29 1.27 23.25
N ASP A 120 -12.08 1.66 22.88
CA ASP A 120 -11.30 2.69 23.61
C ASP A 120 -11.83 4.09 23.46
N LEU A 121 -12.76 4.30 22.54
CA LEU A 121 -13.48 5.54 22.45
C LEU A 121 -14.93 5.43 22.96
N GLU A 122 -15.27 4.31 23.62
CA GLU A 122 -16.62 4.06 24.15
C GLU A 122 -17.07 5.19 25.08
N GLY A 123 -16.15 5.71 25.90
CA GLY A 123 -16.44 6.84 26.78
C GLY A 123 -16.48 8.22 26.12
N ASP A 124 -16.14 8.29 24.84
CA ASP A 124 -15.94 9.57 24.15
C ASP A 124 -17.04 9.85 23.13
N SER B 10 21.86 22.99 3.80
CA SER B 10 21.31 21.70 4.34
C SER B 10 19.95 21.39 3.75
N LYS B 11 19.00 22.32 3.79
CA LYS B 11 17.68 22.03 3.22
C LYS B 11 17.69 22.02 1.68
N TYR B 12 18.73 22.56 1.05
CA TYR B 12 18.79 22.66 -0.41
C TYR B 12 19.51 21.45 -1.01
N MET B 13 18.79 20.68 -1.79
CA MET B 13 19.36 19.48 -2.43
C MET B 13 20.22 19.87 -3.64
N THR B 14 21.26 19.10 -3.89
CA THR B 14 22.06 19.22 -5.10
C THR B 14 21.19 18.78 -6.27
N PRO B 15 21.59 19.13 -7.52
CA PRO B 15 20.83 18.67 -8.68
C PRO B 15 20.70 17.15 -8.74
N MET B 16 21.76 16.41 -8.44
CA MET B 16 21.64 14.92 -8.42
C MET B 16 20.65 14.44 -7.38
N GLN B 17 20.72 15.03 -6.19
CA GLN B 17 19.79 14.65 -5.13
C GLN B 17 18.36 14.93 -5.54
N GLN B 18 18.13 16.07 -6.20
CA GLN B 18 16.81 16.39 -6.70
C GLN B 18 16.28 15.39 -7.73
N LYS B 19 17.15 15.00 -8.67
CA LYS B 19 16.77 14.04 -9.69
C LYS B 19 16.47 12.64 -9.09
N LEU B 20 17.29 12.22 -8.14
CA LEU B 20 17.06 10.92 -7.41
C LEU B 20 15.69 10.98 -6.74
N ASN B 21 15.38 12.11 -6.09
CA ASN B 21 14.15 12.23 -5.38
C ASN B 21 12.95 12.25 -6.34
N GLU B 22 13.09 12.87 -7.49
CA GLU B 22 12.00 12.97 -8.45
C GLU B 22 11.71 11.57 -9.02
N VAL B 23 12.77 10.82 -9.30
CA VAL B 23 12.61 9.43 -9.81
C VAL B 23 11.91 8.56 -8.75
N TYR B 24 12.41 8.59 -7.53
CA TYR B 24 11.80 7.85 -6.40
C TYR B 24 10.32 8.20 -6.25
N GLU B 25 10.04 9.51 -6.18
CA GLU B 25 8.68 9.96 -6.00
C GLU B 25 7.74 9.60 -7.18
N ALA B 26 8.26 9.52 -8.38
CA ALA B 26 7.43 9.18 -9.53
C ALA B 26 6.92 7.74 -9.38
N VAL B 27 7.81 6.87 -8.96
CA VAL B 27 7.42 5.47 -8.72
C VAL B 27 6.49 5.37 -7.52
N LYS B 28 6.84 6.01 -6.42
CA LYS B 28 5.99 5.96 -5.23
C LYS B 28 4.57 6.50 -5.48
N ASN B 29 4.50 7.65 -6.17
CA ASN B 29 3.19 8.33 -6.30
C ASN B 29 2.31 7.85 -7.45
N TYR B 30 2.83 7.03 -8.38
CA TYR B 30 2.08 6.61 -9.55
C TYR B 30 0.75 5.99 -9.14
N THR B 31 -0.30 6.47 -9.81
CA THR B 31 -1.62 5.89 -9.65
C THR B 31 -2.22 5.53 -10.99
N ASP B 32 -2.92 4.41 -11.02
CA ASP B 32 -3.56 4.00 -12.29
C ASP B 32 -4.88 4.82 -12.47
N LYS B 33 -5.62 4.56 -13.53
CA LYS B 33 -6.87 5.27 -13.84
C LYS B 33 -7.96 5.11 -12.81
N ARG B 34 -7.90 4.04 -12.05
CA ARG B 34 -8.86 3.82 -10.98
C ARG B 34 -8.40 4.48 -9.66
N GLY B 35 -7.24 5.17 -9.66
CA GLY B 35 -6.70 5.80 -8.45
C GLY B 35 -5.93 4.84 -7.53
N ARG B 36 -5.59 3.65 -7.99
CA ARG B 36 -4.88 2.72 -7.14
C ARG B 36 -3.40 3.06 -7.20
N ARG B 37 -2.76 3.09 -6.04
CA ARG B 37 -1.32 3.46 -5.95
C ARG B 37 -0.57 2.15 -5.95
N LEU B 38 0.05 1.83 -7.08
CA LEU B 38 0.70 0.55 -7.24
C LEU B 38 1.84 0.29 -6.30
N SER B 39 2.50 1.35 -5.83
CA SER B 39 3.66 1.21 -4.97
C SER B 39 3.32 0.74 -3.57
N ALA B 40 2.04 0.81 -3.19
CA ALA B 40 1.73 0.67 -1.76
C ALA B 40 2.24 -0.66 -1.17
N ILE B 41 2.06 -1.77 -1.89
CA ILE B 41 2.49 -3.12 -1.43
C ILE B 41 4.04 -3.26 -1.44
N PHE B 42 4.74 -2.42 -2.20
CA PHE B 42 6.18 -2.55 -2.33
C PHE B 42 6.99 -1.78 -1.26
N LEU B 43 6.29 -1.01 -0.40
CA LEU B 43 7.03 -0.17 0.51
C LEU B 43 7.86 -0.97 1.50
N ARG B 44 7.26 -2.01 2.08
CA ARG B 44 7.94 -2.81 3.08
C ARG B 44 7.71 -4.29 2.84
N LEU B 45 8.80 -5.03 2.68
CA LEU B 45 8.75 -6.47 2.49
C LEU B 45 8.27 -7.13 3.78
N PRO B 46 7.29 -8.02 3.72
CA PRO B 46 6.92 -8.82 4.88
C PRO B 46 8.02 -9.74 5.38
N SER B 47 7.75 -10.35 6.54
CA SER B 47 8.75 -11.17 7.24
C SER B 47 8.90 -12.54 6.63
N ARG B 48 9.95 -13.27 7.09
CA ARG B 48 10.15 -14.65 6.69
C ARG B 48 8.93 -15.58 6.88
N SER B 49 8.20 -15.36 7.98
CA SER B 49 7.02 -16.21 8.28
C SER B 49 5.88 -15.88 7.32
N GLU B 50 5.77 -14.61 6.99
CA GLU B 50 4.68 -14.11 6.20
C GLU B 50 4.75 -14.47 4.75
N LEU B 51 5.97 -14.65 4.19
CA LEU B 51 6.13 -15.05 2.78
C LEU B 51 7.00 -16.34 2.69
N PRO B 52 6.39 -17.51 2.82
CA PRO B 52 7.15 -18.75 2.84
C PRO B 52 8.09 -18.88 1.66
N ASP B 53 9.31 -19.33 1.97
CA ASP B 53 10.34 -19.56 0.95
C ASP B 53 10.99 -18.27 0.39
N TYR B 54 10.44 -17.11 0.66
CA TYR B 54 10.99 -15.89 0.05
C TYR B 54 12.46 -15.64 0.36
N TYR B 55 12.84 -15.71 1.64
CA TYR B 55 14.21 -15.39 2.00
C TYR B 55 15.23 -16.50 1.65
N LEU B 56 14.71 -17.73 1.48
CA LEU B 56 15.58 -18.77 0.99
C LEU B 56 15.82 -18.63 -0.48
N THR B 57 14.85 -18.12 -1.20
CA THR B 57 14.94 -18.16 -2.66
C THR B 57 15.32 -16.83 -3.35
N ILE B 58 15.12 -15.69 -2.71
CA ILE B 58 15.44 -14.37 -3.27
C ILE B 58 16.78 -13.97 -2.69
N LYS B 59 17.78 -13.85 -3.57
CA LYS B 59 19.16 -13.60 -3.12
C LYS B 59 19.36 -12.28 -2.42
N LYS B 60 18.72 -11.21 -2.92
CA LYS B 60 18.92 -9.86 -2.38
C LYS B 60 17.55 -9.20 -2.19
N PRO B 61 16.94 -9.41 -1.04
CA PRO B 61 15.63 -8.77 -0.72
C PRO B 61 15.73 -7.25 -0.83
N MET B 62 14.68 -6.63 -1.35
CA MET B 62 14.63 -5.21 -1.59
C MET B 62 13.20 -4.69 -1.47
N ASP B 63 13.00 -3.52 -0.85
CA ASP B 63 11.76 -2.85 -0.84
C ASP B 63 11.97 -1.36 -0.95
N MET B 64 10.88 -0.61 -1.11
CA MET B 64 11.05 0.81 -1.39
C MET B 64 11.53 1.58 -0.16
N GLU B 65 11.21 1.10 1.04
CA GLU B 65 11.77 1.73 2.26
C GLU B 65 13.28 1.64 2.28
N LYS B 66 13.83 0.53 1.83
CA LYS B 66 15.28 0.36 1.76
C LYS B 66 15.90 1.35 0.76
N ILE B 67 15.28 1.48 -0.41
CA ILE B 67 15.76 2.44 -1.42
C ILE B 67 15.67 3.85 -0.88
N ARG B 68 14.56 4.19 -0.23
CA ARG B 68 14.36 5.56 0.32
C ARG B 68 15.45 5.82 1.37
N SER B 69 15.71 4.85 2.23
CA SER B 69 16.75 5.01 3.28
C SER B 69 18.14 5.22 2.68
N HIS B 70 18.49 4.46 1.65
CA HIS B 70 19.76 4.62 0.91
CA HIS B 70 19.76 4.65 0.96
C HIS B 70 19.84 6.05 0.33
N MET B 71 18.76 6.49 -0.32
CA MET B 71 18.68 7.87 -0.86
C MET B 71 18.84 8.92 0.22
N MET B 72 18.10 8.81 1.31
CA MET B 72 18.18 9.82 2.40
C MET B 72 19.54 9.85 3.06
N ALA B 73 20.29 8.76 3.01
CA ALA B 73 21.68 8.71 3.49
C ALA B 73 22.75 9.11 2.44
N ASN B 74 22.31 9.61 1.29
CA ASN B 74 23.18 10.03 0.18
C ASN B 74 24.07 8.97 -0.39
N LYS B 75 23.60 7.73 -0.41
CA LYS B 75 24.44 6.66 -0.83
C LYS B 75 24.34 6.31 -2.32
N TYR B 76 23.38 6.89 -3.05
CA TYR B 76 23.33 6.75 -4.49
C TYR B 76 24.12 7.87 -5.17
N GLN B 77 25.14 7.48 -5.93
CA GLN B 77 26.01 8.45 -6.60
C GLN B 77 25.43 8.92 -7.92
N ASP B 78 24.56 8.13 -8.54
CA ASP B 78 23.97 8.49 -9.82
C ASP B 78 22.58 7.81 -9.96
N ILE B 79 21.86 8.14 -11.01
CA ILE B 79 20.50 7.64 -11.22
C ILE B 79 20.57 6.13 -11.48
N ASP B 80 21.53 5.67 -12.27
CA ASP B 80 21.67 4.23 -12.57
C ASP B 80 21.72 3.39 -11.34
N SER B 81 22.43 3.82 -10.30
CA SER B 81 22.53 3.08 -9.07
C SER B 81 21.16 2.90 -8.39
N MET B 82 20.29 3.92 -8.45
CA MET B 82 18.98 3.78 -7.85
C MET B 82 18.10 2.87 -8.72
N VAL B 83 18.20 3.09 -10.03
CA VAL B 83 17.46 2.24 -10.99
C VAL B 83 17.81 0.75 -10.74
N GLU B 84 19.09 0.43 -10.53
CA GLU B 84 19.49 -0.94 -10.32
C GLU B 84 18.74 -1.57 -9.13
N ASP B 85 18.53 -0.80 -8.04
CA ASP B 85 17.85 -1.37 -6.88
C ASP B 85 16.33 -1.51 -7.12
N PHE B 86 15.71 -0.58 -7.85
CA PHE B 86 14.31 -0.77 -8.29
C PHE B 86 14.17 -2.01 -9.18
N VAL B 87 15.08 -2.16 -10.13
CA VAL B 87 15.06 -3.33 -11.03
C VAL B 87 15.23 -4.61 -10.27
N MET B 88 16.07 -4.62 -9.26
CA MET B 88 16.23 -5.79 -8.38
C MET B 88 14.88 -6.12 -7.72
N MET B 89 14.24 -5.11 -7.13
CA MET B 89 12.97 -5.28 -6.49
C MET B 89 11.92 -5.87 -7.45
N PHE B 90 11.82 -5.29 -8.64
CA PHE B 90 10.79 -5.76 -9.58
C PHE B 90 11.14 -7.17 -10.01
N ASN B 91 12.41 -7.48 -10.25
CA ASN B 91 12.81 -8.80 -10.59
CA ASN B 91 12.81 -8.84 -10.62
C ASN B 91 12.50 -9.82 -9.48
N ASN B 92 12.71 -9.42 -8.24
CA ASN B 92 12.40 -10.29 -7.15
C ASN B 92 10.91 -10.58 -7.12
N ALA B 93 10.08 -9.52 -7.27
CA ALA B 93 8.62 -9.70 -7.26
C ALA B 93 8.19 -10.64 -8.38
N CYS B 94 8.83 -10.52 -9.52
CA CYS B 94 8.45 -11.37 -10.68
C CYS B 94 9.06 -12.77 -10.63
N THR B 95 9.99 -13.01 -9.74
CA THR B 95 10.53 -14.31 -9.43
C THR B 95 9.64 -15.05 -8.45
N TYR B 96 9.28 -14.40 -7.34
CA TYR B 96 8.52 -15.05 -6.28
C TYR B 96 7.07 -15.26 -6.64
N ASN B 97 6.49 -14.30 -7.33
CA ASN B 97 5.05 -14.29 -7.63
C ASN B 97 4.77 -14.78 -9.06
N GLU B 98 3.58 -15.34 -9.29
CA GLU B 98 3.23 -15.89 -10.60
C GLU B 98 2.91 -14.82 -11.60
N PRO B 99 3.13 -15.06 -12.90
CA PRO B 99 2.83 -14.03 -13.89
C PRO B 99 1.39 -13.59 -13.91
N GLU B 100 0.47 -14.47 -13.50
CA GLU B 100 -0.93 -14.07 -13.48
C GLU B 100 -1.28 -13.27 -12.25
N SER B 101 -0.35 -13.11 -11.30
CA SER B 101 -0.65 -12.39 -10.07
C SER B 101 -0.65 -10.88 -10.29
N LEU B 102 -1.42 -10.21 -9.45
CA LEU B 102 -1.47 -8.75 -9.54
C LEU B 102 -0.16 -8.08 -9.17
N ILE B 103 0.51 -8.56 -8.15
CA ILE B 103 1.80 -7.95 -7.82
C ILE B 103 2.83 -8.05 -8.95
N TYR B 104 2.84 -9.17 -9.67
CA TYR B 104 3.72 -9.33 -10.81
C TYR B 104 3.41 -8.28 -11.88
N LYS B 105 2.11 -8.14 -12.19
CA LYS B 105 1.68 -7.18 -13.17
C LYS B 105 1.97 -5.73 -12.76
N ASP B 106 1.81 -5.47 -11.47
CA ASP B 106 2.09 -4.13 -10.98
C ASP B 106 3.59 -3.80 -11.02
N ALA B 107 4.44 -4.80 -10.79
CA ALA B 107 5.90 -4.63 -10.88
C ALA B 107 6.27 -4.23 -12.33
N LEU B 108 5.64 -4.85 -13.31
CA LEU B 108 5.91 -4.49 -14.70
C LEU B 108 5.48 -3.09 -15.03
N VAL B 109 4.35 -2.65 -14.52
CA VAL B 109 3.89 -1.27 -14.79
C VAL B 109 4.82 -0.25 -14.14
N LEU B 110 5.20 -0.53 -12.89
CA LEU B 110 6.10 0.42 -12.17
C LEU B 110 7.47 0.45 -12.78
N HIS B 111 7.92 -0.66 -13.34
CA HIS B 111 9.18 -0.66 -14.08
C HIS B 111 9.09 0.27 -15.29
N LYS B 112 7.97 0.21 -15.99
CA LYS B 112 7.74 1.15 -17.14
C LYS B 112 7.72 2.58 -16.67
N VAL B 113 7.06 2.87 -15.54
CA VAL B 113 7.05 4.21 -15.00
C VAL B 113 8.47 4.68 -14.71
N LEU B 114 9.28 3.80 -14.11
CA LEU B 114 10.65 4.12 -13.71
C LEU B 114 11.43 4.51 -14.98
N LEU B 115 11.30 3.71 -16.01
CA LEU B 115 12.06 4.01 -17.26
C LEU B 115 11.58 5.27 -17.96
N GLU B 116 10.28 5.47 -17.99
CA GLU B 116 9.68 6.67 -18.64
C GLU B 116 10.15 7.91 -17.92
N THR B 117 10.18 7.84 -16.59
CA THR B 117 10.57 8.99 -15.80
C THR B 117 12.04 9.31 -16.06
N ARG B 118 12.92 8.31 -16.09
CA ARG B 118 14.36 8.52 -16.35
CA ARG B 118 14.32 8.57 -16.32
C ARG B 118 14.52 9.16 -17.73
N ARG B 119 13.78 8.65 -18.72
CA ARG B 119 13.79 9.20 -20.10
C ARG B 119 13.34 10.67 -20.15
N ASP B 120 12.22 10.99 -19.52
CA ASP B 120 11.67 12.35 -19.48
C ASP B 120 12.63 13.35 -18.84
N LEU B 121 13.49 12.89 -17.94
CA LEU B 121 14.46 13.75 -17.26
C LEU B 121 15.88 13.65 -17.83
N GLU B 122 16.04 13.08 -19.03
CA GLU B 122 17.36 12.92 -19.66
C GLU B 122 18.13 14.24 -19.80
N GLY B 123 17.46 15.30 -20.17
CA GLY B 123 18.10 16.61 -20.28
C GLY B 123 18.58 17.20 -18.95
N ASP B 124 17.80 16.93 -17.89
CA ASP B 124 17.93 17.63 -16.62
C ASP B 124 19.06 17.10 -15.74
C1 EDO C . -21.45 -11.88 -6.57
O1 EDO C . -22.61 -11.04 -6.49
C2 EDO C . -21.57 -13.05 -5.58
O2 EDO C . -22.52 -14.02 -6.01
C1 EDO D . -4.65 -5.39 17.69
O1 EDO D . -4.28 -6.17 16.56
C2 EDO D . -3.65 -4.25 17.89
O2 EDO D . -2.31 -4.72 17.67
C4 5XL E . -5.60 -7.61 -3.86
C5 5XL E . -6.39 -6.38 -3.49
C6 5XL E . -8.35 -6.11 -1.89
C11 5XL E . -9.31 -6.80 -1.12
C7 5XL E . -8.31 -4.72 -1.95
C8 5XL E . -9.21 -3.97 -1.23
C9 5XL E . -10.14 -4.59 -0.45
C10 5XL E . -10.17 -5.98 -0.37
C12 5XL E . -9.34 -8.29 -1.17
C13 5XL E . -7.46 -8.27 -2.58
N1 5XL E . -7.45 -6.89 -2.60
N2 5XL E . -8.35 -8.94 -1.89
C3 5XL E . -6.41 -8.78 -3.37
CL 5XL E . -11.29 -6.64 0.79
O 5XL E . -10.30 -8.95 -0.69
C2 5XL E . -6.23 -10.09 -3.59
N 5XL E . -5.28 -10.78 -4.22
C1 5XL E . -4.04 -10.18 -4.79
C 5XL E . -5.32 -12.22 -4.36
C4 5XL F . 3.54 -9.18 -0.69
C5 5XL F . 4.50 -8.02 -0.57
C6 5XL F . 6.69 -7.56 -1.72
C11 5XL F . 7.60 -7.99 -2.70
C7 5XL F . 6.86 -6.38 -1.01
C8 5XL F . 7.92 -5.55 -1.29
C9 5XL F . 8.81 -5.90 -2.29
C10 5XL F . 8.63 -7.07 -3.01
C12 5XL F . 7.39 -9.32 -3.35
C13 5XL F . 5.38 -9.59 -2.10
N1 5XL F . 5.60 -8.38 -1.48
N2 5XL F . 6.25 -10.05 -3.00
C3 5XL F . 4.17 -10.15 -1.65
CL 5XL F . 9.71 -7.32 -4.36
O 5XL F . 8.24 -9.83 -4.10
C2 5XL F . 3.79 -11.38 -2.06
N 5XL F . 2.73 -12.13 -1.77
C1 5XL F . 1.59 -11.65 -0.91
C 5XL F . 2.55 -13.47 -2.25
#